data_4DKL
#
_entry.id   4DKL
#
_cell.length_a   70.882
_cell.length_b   174.730
_cell.length_c   68.353
_cell.angle_alpha   90.00
_cell.angle_beta   107.84
_cell.angle_gamma   90.00
#
_symmetry.space_group_name_H-M   'C 1 2 1'
#
loop_
_entity.id
_entity.type
_entity.pdbx_description
1 polymer 'Mu-type opioid receptor, lysozyme chimera'
2 non-polymer 'methyl 4-{[(5beta,6alpha)-17-(cyclopropylmethyl)-3,14-dihydroxy-4,5-epoxymorphinan-6-yl]amino}-4-oxobutanoate'
3 non-polymer 'SULFATE ION'
4 non-polymer CHOLESTEROL
5 non-polymer '[(Z)-octadec-9-enyl] (2R)-2,3-bis(oxidanyl)propanoate'
6 non-polymer 'PENTAETHYLENE GLYCOL'
7 non-polymer 'CHLORIDE ION'
8 water water
#
_entity_poly.entity_id   1
_entity_poly.type   'polypeptide(L)'
_entity_poly.pdbx_seq_one_letter_code
;GSHSLCPQTGSPSMVTAITIMALYSIVCVVGLFGNFLVMYVIVRYTKMKTATNIYIFNLALADALATSTLPFQSVNYLMG
TWPFGNILCKIVISIDYYNMFTSIFTLCTMSVDRYIAVCHPVKALDFRTPRNAKIVNVCNWILSSAIGLPVMFMATTKYR
QGSIDCTLTFSHPTWYWENLLKICVFIFAFIMPVLIITVCYGLMILRLKSVRNIFEMLRIDEGLRLKIYKNTEGYYTIGI
GHLLTKSPSLNAAKSELDKAIGRNTNGVITKDEAEKLFNQDVDAAVRGILRNAKLKPVYDSLDAVRRAALINMVFQMGET
GVAGFTNSLRMLQQKRWDEAAVNLAKSRWYNQTPNRAKRVITTFRTGTWDAYEKDRNLRRITRMVLVVVAVFIVCWTPIH
IYVIIKALITIPETTFQTVSWHFCIALGYTNSCLNPVLYAFLDENFKRCFREFCIPTSSTIEQP
;
_entity_poly.pdbx_strand_id   A
#
# COMPACT_ATOMS: atom_id res chain seq x y z
N MET A 14 38.48 -0.94 24.63
CA MET A 14 37.18 -0.29 24.55
C MET A 14 37.03 0.48 23.25
N VAL A 15 37.88 0.19 22.28
CA VAL A 15 37.80 0.80 20.96
C VAL A 15 36.44 0.53 20.33
N THR A 16 35.89 -0.65 20.62
CA THR A 16 34.55 -1.00 20.19
C THR A 16 33.54 0.00 20.75
N ALA A 17 33.66 0.31 22.04
CA ALA A 17 32.74 1.24 22.68
C ALA A 17 32.82 2.65 22.09
N ILE A 18 34.04 3.12 21.84
CA ILE A 18 34.22 4.48 21.32
C ILE A 18 33.79 4.60 19.84
N THR A 19 34.06 3.56 19.05
CA THR A 19 33.62 3.55 17.66
C THR A 19 32.12 3.46 17.61
N ILE A 20 31.54 2.72 18.55
CA ILE A 20 30.10 2.67 18.72
C ILE A 20 29.58 4.07 19.02
N MET A 21 30.30 4.79 19.88
CA MET A 21 29.91 6.16 20.23
C MET A 21 29.92 7.09 19.02
N ALA A 22 30.96 6.99 18.21
CA ALA A 22 31.11 7.82 17.00
C ALA A 22 30.02 7.53 15.97
N LEU A 23 29.92 6.25 15.62
CA LEU A 23 28.91 5.77 14.69
C LEU A 23 27.52 6.20 15.14
N TYR A 24 27.24 5.98 16.43
CA TYR A 24 25.95 6.33 17.01
C TYR A 24 25.74 7.84 17.04
N SER A 25 26.82 8.61 17.03
CA SER A 25 26.68 10.06 16.98
C SER A 25 26.24 10.49 15.60
N ILE A 26 26.86 9.89 14.58
CA ILE A 26 26.44 10.15 13.21
C ILE A 26 24.97 9.77 13.01
N VAL A 27 24.65 8.53 13.38
CA VAL A 27 23.29 8.01 13.27
C VAL A 27 22.28 8.85 14.06
N CYS A 28 22.69 9.34 15.22
CA CYS A 28 21.80 10.14 16.05
C CYS A 28 21.55 11.51 15.45
N VAL A 29 22.61 12.20 15.05
CA VAL A 29 22.50 13.54 14.49
C VAL A 29 21.71 13.53 13.19
N VAL A 30 22.18 12.76 12.21
CA VAL A 30 21.53 12.71 10.90
C VAL A 30 20.16 12.05 10.97
N GLY A 31 20.01 11.09 11.89
CA GLY A 31 18.74 10.41 12.10
C GLY A 31 17.68 11.36 12.62
N LEU A 32 17.99 12.03 13.72
CA LEU A 32 17.08 13.03 14.30
C LEU A 32 16.78 14.12 13.29
N PHE A 33 17.81 14.76 12.75
CA PHE A 33 17.65 15.82 11.76
C PHE A 33 16.74 15.39 10.61
N GLY A 34 17.06 14.27 10.00
CA GLY A 34 16.30 13.74 8.87
C GLY A 34 14.85 13.43 9.19
N ASN A 35 14.61 12.71 10.27
CA ASN A 35 13.24 12.33 10.62
C ASN A 35 12.36 13.49 11.07
N PHE A 36 12.95 14.41 11.84
CA PHE A 36 12.27 15.65 12.21
C PHE A 36 11.90 16.43 10.97
N LEU A 37 12.85 16.51 10.03
CA LEU A 37 12.62 17.18 8.75
C LEU A 37 11.45 16.56 7.99
N VAL A 38 11.47 15.24 7.90
CA VAL A 38 10.42 14.49 7.20
C VAL A 38 9.04 14.74 7.82
N MET A 39 8.93 14.51 9.12
CA MET A 39 7.68 14.72 9.84
C MET A 39 7.16 16.14 9.68
N TYR A 40 8.05 17.12 9.87
CA TYR A 40 7.69 18.52 9.69
C TYR A 40 7.15 18.80 8.29
N VAL A 41 7.83 18.28 7.28
CA VAL A 41 7.43 18.48 5.90
C VAL A 41 6.04 17.89 5.63
N ILE A 42 5.82 16.68 6.13
CA ILE A 42 4.51 16.03 5.98
C ILE A 42 3.40 16.86 6.63
N VAL A 43 3.66 17.33 7.85
CA VAL A 43 2.68 18.11 8.59
C VAL A 43 2.37 19.47 7.95
N ARG A 44 3.41 20.13 7.47
CA ARG A 44 3.32 21.51 6.99
C ARG A 44 2.57 21.69 5.67
N TYR A 45 2.93 20.91 4.65
CA TYR A 45 2.36 21.08 3.32
C TYR A 45 1.08 20.25 3.12
N THR A 46 0.10 20.83 2.43
CA THR A 46 -1.13 20.13 2.12
C THR A 46 -0.94 19.19 0.93
N LYS A 47 0.06 19.50 0.11
CA LYS A 47 0.38 18.66 -1.04
C LYS A 47 1.07 17.38 -0.59
N MET A 48 1.72 17.43 0.57
CA MET A 48 2.46 16.29 1.09
C MET A 48 1.58 15.33 1.89
N LYS A 49 0.31 15.67 2.05
CA LYS A 49 -0.62 14.82 2.79
C LYS A 49 -1.28 13.76 1.92
N THR A 50 -0.63 12.60 1.81
CA THR A 50 -1.18 11.46 1.09
C THR A 50 -1.06 10.23 1.98
N ALA A 51 -1.74 9.14 1.60
CA ALA A 51 -1.71 7.90 2.38
C ALA A 51 -0.28 7.41 2.59
N THR A 52 0.45 7.30 1.48
CA THR A 52 1.85 6.90 1.49
C THR A 52 2.64 7.74 2.49
N ASN A 53 2.46 9.05 2.42
CA ASN A 53 3.17 9.97 3.29
C ASN A 53 2.72 9.92 4.75
N ILE A 54 1.50 9.47 4.99
CA ILE A 54 1.04 9.25 6.36
C ILE A 54 1.79 8.07 6.96
N TYR A 55 1.84 6.98 6.20
CA TYR A 55 2.63 5.82 6.61
C TYR A 55 4.10 6.20 6.87
N ILE A 56 4.66 6.93 5.91
CA ILE A 56 6.03 7.45 6.01
C ILE A 56 6.19 8.28 7.28
N PHE A 57 5.17 9.06 7.62
CA PHE A 57 5.19 9.85 8.85
C PHE A 57 5.32 8.94 10.06
N ASN A 58 4.51 7.88 10.09
CA ASN A 58 4.59 6.93 11.21
C ASN A 58 6.00 6.37 11.36
N LEU A 59 6.56 5.92 10.23
CA LEU A 59 7.91 5.39 10.18
C LEU A 59 8.93 6.38 10.75
N ALA A 60 8.86 7.62 10.28
CA ALA A 60 9.76 8.68 10.70
C ALA A 60 9.63 8.97 12.19
N LEU A 61 8.41 8.89 12.70
CA LEU A 61 8.15 9.08 14.12
C LEU A 61 8.90 8.03 14.94
N ALA A 62 8.68 6.76 14.60
CA ALA A 62 9.35 5.66 15.29
C ALA A 62 10.88 5.84 15.28
N ASP A 63 11.43 6.07 14.10
CA ASP A 63 12.87 6.25 13.95
C ASP A 63 13.39 7.40 14.82
N ALA A 64 12.66 8.51 14.82
CA ALA A 64 13.00 9.67 15.63
C ALA A 64 13.06 9.30 17.11
N LEU A 65 12.11 8.49 17.57
CA LEU A 65 12.12 8.03 18.96
C LEU A 65 13.34 7.18 19.31
N ALA A 66 13.61 6.16 18.49
CA ALA A 66 14.77 5.30 18.72
C ALA A 66 16.07 6.11 18.79
N THR A 67 16.26 6.97 17.79
CA THR A 67 17.41 7.84 17.74
C THR A 67 17.47 8.74 18.97
N SER A 68 16.30 9.15 19.46
CA SER A 68 16.22 9.94 20.69
C SER A 68 16.79 9.16 21.85
N THR A 69 16.56 7.85 21.86
CA THR A 69 17.08 7.01 22.95
C THR A 69 18.55 6.63 22.78
N LEU A 70 19.10 6.82 21.58
CA LEU A 70 20.53 6.53 21.34
C LEU A 70 21.56 7.12 22.34
N PRO A 71 21.55 8.45 22.56
CA PRO A 71 22.62 9.08 23.36
C PRO A 71 22.74 8.53 24.79
N PHE A 72 21.63 8.11 25.36
CA PHE A 72 21.62 7.55 26.72
C PHE A 72 22.31 6.19 26.74
N GLN A 73 22.25 5.49 25.61
CA GLN A 73 22.84 4.16 25.52
C GLN A 73 24.37 4.25 25.40
N SER A 74 24.86 5.22 24.64
CA SER A 74 26.29 5.37 24.41
C SER A 74 27.06 5.66 25.70
N VAL A 75 26.48 6.48 26.57
CA VAL A 75 27.10 6.78 27.85
C VAL A 75 27.01 5.59 28.79
N ASN A 76 26.01 4.74 28.58
CA ASN A 76 25.91 3.48 29.31
C ASN A 76 27.09 2.59 28.92
N TYR A 77 27.42 2.58 27.63
CA TYR A 77 28.56 1.84 27.12
C TYR A 77 29.86 2.28 27.80
N LEU A 78 30.04 3.59 27.92
CA LEU A 78 31.29 4.15 28.41
C LEU A 78 31.43 4.09 29.93
N MET A 79 30.34 4.39 30.64
CA MET A 79 30.37 4.42 32.10
C MET A 79 30.40 3.03 32.72
N GLY A 80 29.62 2.11 32.14
CA GLY A 80 29.49 0.78 32.70
C GLY A 80 28.35 0.72 33.70
N THR A 81 27.51 1.76 33.66
CA THR A 81 26.39 1.85 34.59
C THR A 81 25.24 2.65 33.96
N TRP A 82 24.04 2.48 34.49
CA TRP A 82 22.89 3.27 34.07
C TRP A 82 22.54 4.29 35.16
N PRO A 83 22.87 5.57 34.90
CA PRO A 83 22.66 6.65 35.86
C PRO A 83 21.25 7.25 35.79
N PHE A 84 20.60 7.10 34.64
CA PHE A 84 19.42 7.89 34.32
C PHE A 84 18.14 7.50 35.06
N GLY A 85 18.24 6.53 35.96
CA GLY A 85 17.12 6.20 36.83
C GLY A 85 16.27 5.04 36.36
N ASN A 86 15.08 4.92 36.95
CA ASN A 86 14.19 3.80 36.69
C ASN A 86 13.22 4.10 35.54
N ILE A 87 12.50 5.20 35.66
CA ILE A 87 11.48 5.59 34.70
C ILE A 87 12.03 5.79 33.28
N LEU A 88 13.11 6.56 33.17
CA LEU A 88 13.72 6.84 31.87
C LEU A 88 14.17 5.55 31.18
N CYS A 89 14.58 4.57 31.98
CA CYS A 89 14.94 3.26 31.48
C CYS A 89 13.74 2.58 30.85
N LYS A 90 12.65 2.51 31.61
CA LYS A 90 11.38 1.96 31.12
C LYS A 90 11.01 2.60 29.79
N ILE A 91 11.07 3.93 29.76
CA ILE A 91 10.82 4.70 28.54
C ILE A 91 11.70 4.21 27.39
N VAL A 92 13.00 4.10 27.65
CA VAL A 92 13.96 3.69 26.62
C VAL A 92 13.66 2.32 26.01
N ILE A 93 13.56 1.31 26.86
CA ILE A 93 13.29 -0.05 26.38
C ILE A 93 11.95 -0.13 25.65
N SER A 94 10.94 0.51 26.25
CA SER A 94 9.62 0.55 25.64
C SER A 94 9.68 1.13 24.23
N ILE A 95 10.41 2.24 24.09
CA ILE A 95 10.61 2.88 22.79
C ILE A 95 11.32 1.95 21.82
N ASP A 96 12.30 1.19 22.33
CA ASP A 96 13.03 0.23 21.53
C ASP A 96 12.06 -0.78 20.88
N TYR A 97 11.31 -1.47 21.75
CA TYR A 97 10.35 -2.46 21.26
C TYR A 97 9.28 -1.85 20.34
N TYR A 98 8.73 -0.72 20.74
CA TYR A 98 7.74 0.01 19.94
C TYR A 98 8.26 0.31 18.55
N ASN A 99 9.52 0.73 18.47
CA ASN A 99 10.15 1.00 17.19
C ASN A 99 10.19 -0.26 16.36
N MET A 100 10.75 -1.32 16.95
CA MET A 100 10.86 -2.61 16.27
C MET A 100 9.54 -3.10 15.70
N PHE A 101 8.45 -2.93 16.44
CA PHE A 101 7.14 -3.39 15.99
C PHE A 101 6.46 -2.47 14.98
N THR A 102 6.26 -1.22 15.39
CA THR A 102 5.58 -0.23 14.57
C THR A 102 6.25 -0.02 13.21
N SER A 103 7.57 -0.12 13.16
CA SER A 103 8.28 0.03 11.89
C SER A 103 7.83 -1.00 10.86
N ILE A 104 8.01 -2.27 11.18
CA ILE A 104 7.68 -3.35 10.25
C ILE A 104 6.17 -3.48 10.02
N PHE A 105 5.38 -3.14 11.02
CA PHE A 105 3.93 -3.12 10.84
C PHE A 105 3.54 -2.05 9.82
N THR A 106 4.21 -0.89 9.91
CA THR A 106 3.98 0.20 8.98
C THR A 106 4.41 -0.20 7.58
N LEU A 107 5.52 -0.93 7.47
CA LEU A 107 5.96 -1.46 6.19
C LEU A 107 4.92 -2.41 5.61
N CYS A 108 4.29 -3.18 6.49
CA CYS A 108 3.21 -4.08 6.09
C CYS A 108 2.03 -3.34 5.51
N THR A 109 1.53 -2.37 6.27
CA THR A 109 0.40 -1.56 5.83
C THR A 109 0.74 -0.81 4.54
N MET A 110 2.01 -0.48 4.36
CA MET A 110 2.47 0.16 3.14
C MET A 110 2.43 -0.79 1.95
N SER A 111 2.85 -2.03 2.16
CA SER A 111 2.80 -3.04 1.11
C SER A 111 1.35 -3.36 0.72
N VAL A 112 0.49 -3.44 1.72
CA VAL A 112 -0.93 -3.69 1.50
C VAL A 112 -1.56 -2.53 0.72
N ASP A 113 -1.29 -1.31 1.15
CA ASP A 113 -1.83 -0.12 0.51
C ASP A 113 -1.34 0.00 -0.93
N ARG A 114 -0.10 -0.38 -1.16
CA ARG A 114 0.49 -0.39 -2.49
C ARG A 114 -0.26 -1.38 -3.37
N TYR A 115 -0.42 -2.59 -2.84
CA TYR A 115 -1.16 -3.66 -3.52
C TYR A 115 -2.58 -3.24 -3.89
N ILE A 116 -3.24 -2.53 -2.98
CA ILE A 116 -4.59 -2.05 -3.21
C ILE A 116 -4.60 -1.00 -4.32
N ALA A 117 -3.72 0.00 -4.18
CA ALA A 117 -3.62 1.10 -5.13
C ALA A 117 -3.38 0.60 -6.54
N VAL A 118 -2.59 -0.47 -6.66
CA VAL A 118 -2.28 -1.00 -7.98
C VAL A 118 -3.34 -1.96 -8.52
N CYS A 119 -3.71 -2.95 -7.72
CA CYS A 119 -4.57 -4.04 -8.20
C CYS A 119 -6.07 -3.78 -8.09
N HIS A 120 -6.46 -2.75 -7.35
CA HIS A 120 -7.87 -2.41 -7.21
C HIS A 120 -8.13 -0.91 -7.23
N PRO A 121 -7.89 -0.25 -8.38
CA PRO A 121 -7.97 1.22 -8.49
C PRO A 121 -9.36 1.78 -8.16
N VAL A 122 -10.40 1.15 -8.69
CA VAL A 122 -11.76 1.60 -8.46
C VAL A 122 -12.13 1.51 -6.98
N LYS A 123 -11.73 0.40 -6.34
CA LYS A 123 -11.91 0.27 -4.90
C LYS A 123 -10.92 1.16 -4.16
N ALA A 124 -9.76 1.39 -4.77
CA ALA A 124 -8.72 2.20 -4.15
C ALA A 124 -9.18 3.63 -3.90
N LEU A 125 -9.85 4.22 -4.89
CA LEU A 125 -10.26 5.61 -4.79
C LEU A 125 -11.23 5.88 -3.62
N ASP A 126 -11.89 4.82 -3.15
CA ASP A 126 -12.84 4.95 -2.04
C ASP A 126 -12.18 5.07 -0.67
N PHE A 127 -11.37 4.08 -0.30
CA PHE A 127 -10.82 4.03 1.06
C PHE A 127 -9.33 4.37 1.19
N ARG A 128 -8.70 4.84 0.12
CA ARG A 128 -7.31 5.27 0.21
C ARG A 128 -7.19 6.74 0.60
N THR A 129 -8.19 7.24 1.31
CA THR A 129 -8.13 8.57 1.90
C THR A 129 -7.11 8.53 3.04
N PRO A 130 -6.36 9.63 3.24
CA PRO A 130 -5.31 9.65 4.27
C PRO A 130 -5.82 9.45 5.69
N ARG A 131 -7.10 9.74 5.93
CA ARG A 131 -7.67 9.54 7.26
C ARG A 131 -7.67 8.05 7.63
N ASN A 132 -7.87 7.20 6.64
CA ASN A 132 -7.81 5.76 6.85
C ASN A 132 -6.40 5.32 7.19
N ALA A 133 -5.42 5.96 6.56
CA ALA A 133 -4.02 5.70 6.85
C ALA A 133 -3.71 6.10 8.29
N LYS A 134 -4.28 7.21 8.72
CA LYS A 134 -4.13 7.66 10.11
C LYS A 134 -4.75 6.66 11.08
N ILE A 135 -5.93 6.16 10.73
CA ILE A 135 -6.63 5.16 11.54
C ILE A 135 -5.82 3.88 11.69
N VAL A 136 -5.34 3.36 10.57
CA VAL A 136 -4.54 2.13 10.58
C VAL A 136 -3.21 2.34 11.29
N ASN A 137 -2.69 3.58 11.25
CA ASN A 137 -1.51 3.92 12.04
C ASN A 137 -1.80 3.84 13.54
N VAL A 138 -2.94 4.38 13.94
CA VAL A 138 -3.40 4.29 15.32
C VAL A 138 -3.49 2.82 15.76
N CYS A 139 -4.17 2.01 14.95
CA CYS A 139 -4.31 0.59 15.25
C CYS A 139 -2.95 -0.11 15.35
N ASN A 140 -2.03 0.28 14.46
CA ASN A 140 -0.65 -0.18 14.52
C ASN A 140 -0.08 0.08 15.90
N TRP A 141 -0.22 1.31 16.36
CA TRP A 141 0.29 1.68 17.68
C TRP A 141 -0.40 0.97 18.85
N ILE A 142 -1.65 0.57 18.65
CA ILE A 142 -2.38 -0.17 19.68
C ILE A 142 -1.90 -1.63 19.77
N LEU A 143 -1.86 -2.30 18.62
CA LEU A 143 -1.31 -3.65 18.55
C LEU A 143 0.09 -3.67 19.14
N SER A 144 0.90 -2.68 18.77
CA SER A 144 2.24 -2.56 19.32
C SER A 144 2.21 -2.22 20.81
N SER A 145 1.13 -1.59 21.26
CA SER A 145 0.98 -1.29 22.67
C SER A 145 0.79 -2.57 23.47
N ALA A 146 0.16 -3.56 22.85
CA ALA A 146 -0.04 -4.87 23.48
C ALA A 146 1.28 -5.52 23.94
N ILE A 147 2.37 -5.24 23.23
CA ILE A 147 3.68 -5.78 23.64
C ILE A 147 4.51 -4.72 24.36
N GLY A 148 4.34 -3.46 23.97
CA GLY A 148 5.15 -2.37 24.49
C GLY A 148 4.82 -2.00 25.92
N LEU A 149 3.54 -2.00 26.26
CA LEU A 149 3.13 -1.65 27.63
C LEU A 149 3.66 -2.60 28.71
N PRO A 150 3.46 -3.92 28.56
CA PRO A 150 4.01 -4.82 29.59
C PRO A 150 5.54 -4.75 29.67
N VAL A 151 6.19 -4.52 28.54
CA VAL A 151 7.64 -4.33 28.52
C VAL A 151 8.03 -3.10 29.34
N MET A 152 7.20 -2.07 29.27
CA MET A 152 7.44 -0.86 30.05
C MET A 152 7.23 -1.13 31.54
N PHE A 153 6.30 -2.02 31.86
CA PHE A 153 6.02 -2.40 33.23
C PHE A 153 7.12 -3.28 33.82
N MET A 154 7.58 -4.24 33.02
CA MET A 154 8.55 -5.23 33.47
C MET A 154 9.99 -4.74 33.35
N ALA A 155 10.16 -3.49 32.89
CA ALA A 155 11.47 -2.88 32.82
C ALA A 155 11.80 -2.17 34.13
N THR A 156 13.04 -2.27 34.57
CA THR A 156 13.45 -1.70 35.83
C THR A 156 14.96 -1.63 35.95
N THR A 157 15.42 -1.12 37.09
CA THR A 157 16.84 -1.00 37.38
C THR A 157 17.31 -2.18 38.24
N LYS A 158 18.23 -2.98 37.69
CA LYS A 158 18.79 -4.12 38.41
C LYS A 158 20.18 -3.82 38.93
N TYR A 159 20.33 -3.88 40.25
CA TYR A 159 21.61 -3.58 40.90
C TYR A 159 22.51 -4.81 40.94
N ARG A 160 23.80 -4.64 40.68
CA ARG A 160 24.76 -5.74 40.68
C ARG A 160 25.98 -5.41 41.57
N GLN A 161 26.94 -6.33 41.66
CA GLN A 161 28.10 -6.20 42.54
C GLN A 161 28.69 -4.80 42.63
N GLY A 162 28.89 -4.19 41.47
CA GLY A 162 29.51 -2.88 41.40
C GLY A 162 29.19 -2.23 40.08
N SER A 163 27.90 -2.19 39.76
CA SER A 163 27.40 -1.63 38.49
C SER A 163 25.93 -1.53 38.54
N ILE A 164 25.27 -1.16 37.43
CA ILE A 164 23.80 -0.97 37.38
C ILE A 164 23.30 -1.36 35.98
N ASP A 165 22.16 -2.05 35.91
CA ASP A 165 21.57 -2.43 34.63
C ASP A 165 20.15 -1.90 34.40
N CYS A 166 19.87 -1.55 33.14
CA CYS A 166 18.55 -1.14 32.69
C CYS A 166 17.99 -2.28 31.84
N THR A 167 18.13 -3.50 32.35
CA THR A 167 17.65 -4.68 31.65
C THR A 167 16.18 -4.95 31.95
N LEU A 168 15.55 -5.74 31.09
CA LEU A 168 14.21 -6.26 31.34
C LEU A 168 14.38 -7.53 32.16
N THR A 169 13.76 -7.56 33.34
CA THR A 169 13.93 -8.72 34.23
C THR A 169 12.61 -9.41 34.56
N PHE A 170 12.68 -10.72 34.77
CA PHE A 170 11.48 -11.51 35.05
C PHE A 170 11.66 -12.32 36.33
N SER A 171 10.55 -12.82 36.85
CA SER A 171 10.58 -13.73 37.99
C SER A 171 10.98 -15.11 37.50
N HIS A 172 11.29 -16.02 38.42
CA HIS A 172 11.66 -17.37 38.05
C HIS A 172 10.45 -18.16 37.55
N PRO A 173 10.65 -19.00 36.51
CA PRO A 173 11.92 -19.16 35.79
C PRO A 173 12.16 -18.04 34.78
N THR A 174 13.33 -17.42 34.87
CA THR A 174 13.66 -16.23 34.06
C THR A 174 13.80 -16.55 32.57
N TRP A 175 14.58 -17.59 32.27
CA TRP A 175 14.83 -17.98 30.88
C TRP A 175 13.52 -18.26 30.16
N TYR A 176 12.51 -18.71 30.91
CA TYR A 176 11.21 -19.03 30.34
C TYR A 176 10.53 -17.81 29.76
N TRP A 177 10.31 -16.81 30.61
CA TRP A 177 9.65 -15.58 30.19
C TRP A 177 10.48 -14.83 29.16
N GLU A 178 11.79 -14.81 29.37
CA GLU A 178 12.69 -14.18 28.42
C GLU A 178 12.51 -14.77 27.03
N ASN A 179 12.74 -16.08 26.93
CA ASN A 179 12.61 -16.79 25.65
C ASN A 179 11.20 -16.74 25.07
N LEU A 180 10.19 -16.62 25.93
CA LEU A 180 8.81 -16.47 25.48
C LEU A 180 8.65 -15.16 24.75
N LEU A 181 9.16 -14.09 25.37
CA LEU A 181 9.15 -12.78 24.74
C LEU A 181 9.89 -12.84 23.41
N LYS A 182 11.07 -13.46 23.43
CA LYS A 182 11.87 -13.62 22.22
C LYS A 182 11.07 -14.34 21.11
N ILE A 183 10.26 -15.31 21.49
CA ILE A 183 9.39 -16.02 20.55
C ILE A 183 8.35 -15.07 19.96
N CYS A 184 7.63 -14.38 20.85
CA CYS A 184 6.54 -13.49 20.43
C CYS A 184 7.03 -12.40 19.47
N VAL A 185 8.14 -11.77 19.81
CA VAL A 185 8.71 -10.76 18.91
C VAL A 185 9.19 -11.42 17.62
N PHE A 186 9.75 -12.62 17.72
CA PHE A 186 10.25 -13.29 16.53
C PHE A 186 9.15 -13.65 15.53
N ILE A 187 7.98 -14.01 16.04
CA ILE A 187 6.86 -14.37 15.18
C ILE A 187 6.12 -13.15 14.67
N PHE A 188 5.77 -12.26 15.58
CA PHE A 188 4.92 -11.12 15.25
C PHE A 188 5.67 -9.94 14.62
N ALA A 189 6.93 -9.75 15.00
CA ALA A 189 7.70 -8.62 14.51
C ALA A 189 8.68 -9.00 13.39
N PHE A 190 8.71 -10.27 13.01
CA PHE A 190 9.61 -10.69 11.94
C PHE A 190 8.97 -11.63 10.92
N ILE A 191 8.70 -12.87 11.32
CA ILE A 191 8.18 -13.88 10.39
C ILE A 191 6.88 -13.49 9.71
N MET A 192 5.82 -13.36 10.51
CA MET A 192 4.50 -13.02 10.00
C MET A 192 4.46 -11.76 9.11
N PRO A 193 5.05 -10.64 9.56
CA PRO A 193 5.03 -9.46 8.69
C PRO A 193 5.73 -9.67 7.34
N VAL A 194 6.89 -10.31 7.36
CA VAL A 194 7.62 -10.63 6.14
C VAL A 194 6.77 -11.50 5.21
N LEU A 195 6.09 -12.49 5.79
CA LEU A 195 5.20 -13.35 5.02
C LEU A 195 4.06 -12.56 4.38
N ILE A 196 3.48 -11.63 5.15
CA ILE A 196 2.41 -10.78 4.65
C ILE A 196 2.89 -9.96 3.46
N ILE A 197 4.07 -9.35 3.62
CA ILE A 197 4.68 -8.57 2.53
C ILE A 197 4.87 -9.43 1.28
N THR A 198 5.40 -10.63 1.47
CA THR A 198 5.62 -11.58 0.39
C THR A 198 4.32 -11.93 -0.34
N VAL A 199 3.26 -12.16 0.43
CA VAL A 199 1.94 -12.45 -0.14
C VAL A 199 1.43 -11.25 -0.92
N CYS A 200 1.64 -10.05 -0.39
CA CYS A 200 1.24 -8.84 -1.09
C CYS A 200 1.95 -8.70 -2.43
N TYR A 201 3.24 -9.01 -2.45
CA TYR A 201 4.03 -8.91 -3.66
C TYR A 201 3.60 -9.93 -4.71
N GLY A 202 3.46 -11.18 -4.28
CA GLY A 202 3.02 -12.26 -5.16
C GLY A 202 1.66 -11.96 -5.75
N LEU A 203 0.72 -11.59 -4.89
CA LEU A 203 -0.63 -11.22 -5.30
C LEU A 203 -0.59 -10.04 -6.26
N MET A 204 0.40 -9.16 -6.07
CA MET A 204 0.57 -7.99 -6.91
C MET A 204 0.99 -8.39 -8.33
N ILE A 205 2.05 -9.20 -8.44
CA ILE A 205 2.47 -9.73 -9.74
C ILE A 205 1.31 -10.49 -10.40
N LEU A 206 0.56 -11.19 -9.57
CA LEU A 206 -0.54 -12.02 -10.05
C LEU A 206 -1.69 -11.21 -10.64
N ARG A 207 -2.00 -10.08 -10.02
CA ARG A 207 -3.14 -9.27 -10.44
C ARG A 207 -2.77 -8.05 -11.30
N LEU A 208 -1.49 -7.87 -11.56
CA LEU A 208 -1.04 -6.75 -12.40
C LEU A 208 -0.74 -7.20 -13.83
N LYS A 209 -1.45 -6.61 -14.78
CA LYS A 209 -1.18 -6.83 -16.19
C LYS A 209 -1.75 -5.66 -17.00
N SER A 210 -0.95 -5.15 -17.93
CA SER A 210 -1.35 -4.00 -18.74
C SER A 210 -2.63 -4.28 -19.53
N VAL A 211 -3.26 -3.22 -20.03
CA VAL A 211 -4.52 -3.37 -20.75
C VAL A 211 -4.31 -3.38 -22.28
N ARG A 212 -4.71 -4.49 -22.90
CA ARG A 212 -4.57 -4.64 -24.34
C ARG A 212 -5.84 -5.22 -24.96
N ASN A 213 -6.81 -5.57 -24.13
CA ASN A 213 -8.08 -6.09 -24.62
C ASN A 213 -9.30 -5.36 -24.03
N ILE A 214 -10.48 -5.74 -24.53
CA ILE A 214 -11.72 -5.09 -24.12
C ILE A 214 -12.15 -5.45 -22.69
N PHE A 215 -11.95 -6.72 -22.32
CA PHE A 215 -12.36 -7.20 -21.00
C PHE A 215 -11.65 -6.45 -19.87
N GLU A 216 -10.34 -6.26 -20.02
CA GLU A 216 -9.58 -5.48 -19.07
C GLU A 216 -10.05 -4.03 -19.08
N MET A 217 -10.22 -3.51 -20.29
CA MET A 217 -10.68 -2.13 -20.51
C MET A 217 -11.96 -1.82 -19.75
N LEU A 218 -12.98 -2.65 -19.95
CA LEU A 218 -14.28 -2.44 -19.33
C LEU A 218 -14.28 -2.62 -17.81
N ARG A 219 -13.39 -3.47 -17.31
CA ARG A 219 -13.29 -3.63 -15.86
C ARG A 219 -12.72 -2.36 -15.23
N ILE A 220 -11.81 -1.71 -15.94
CA ILE A 220 -11.30 -0.41 -15.50
C ILE A 220 -12.46 0.59 -15.43
N ASP A 221 -13.34 0.52 -16.42
CA ASP A 221 -14.45 1.47 -16.52
C ASP A 221 -15.59 1.16 -15.55
N GLU A 222 -15.75 -0.10 -15.14
CA GLU A 222 -16.89 -0.52 -14.36
C GLU A 222 -16.58 -0.98 -12.93
N GLY A 223 -15.54 -1.79 -12.78
CA GLY A 223 -15.12 -2.26 -11.48
C GLY A 223 -15.80 -3.52 -10.99
N LEU A 224 -15.14 -4.20 -10.04
CA LEU A 224 -15.66 -5.43 -9.46
C LEU A 224 -16.31 -5.18 -8.11
N ARG A 225 -17.63 -4.95 -8.11
CA ARG A 225 -18.36 -4.80 -6.85
C ARG A 225 -19.30 -5.98 -6.64
N LEU A 226 -19.05 -6.76 -5.60
CA LEU A 226 -19.76 -8.03 -5.40
C LEU A 226 -21.10 -7.91 -4.67
N LYS A 227 -21.47 -6.69 -4.29
CA LYS A 227 -22.78 -6.47 -3.67
C LYS A 227 -23.62 -5.54 -4.52
N ILE A 228 -24.95 -5.67 -4.39
CA ILE A 228 -25.87 -4.82 -5.14
C ILE A 228 -25.73 -3.36 -4.71
N TYR A 229 -25.45 -2.50 -5.68
CA TYR A 229 -25.24 -1.08 -5.41
C TYR A 229 -25.95 -0.21 -6.43
N LYS A 230 -26.43 0.95 -5.98
CA LYS A 230 -26.98 1.94 -6.90
C LYS A 230 -25.84 2.56 -7.71
N ASN A 231 -25.98 2.57 -9.03
CA ASN A 231 -24.93 3.08 -9.90
C ASN A 231 -24.95 4.60 -9.98
N THR A 232 -24.24 5.13 -10.98
CA THR A 232 -24.21 6.57 -11.22
C THR A 232 -25.61 7.08 -11.60
N GLU A 233 -26.34 6.27 -12.34
CA GLU A 233 -27.68 6.64 -12.78
C GLU A 233 -28.72 6.35 -11.70
N GLY A 234 -28.27 5.77 -10.59
CA GLY A 234 -29.14 5.52 -9.45
C GLY A 234 -29.95 4.23 -9.54
N TYR A 235 -29.47 3.30 -10.34
CA TYR A 235 -30.16 2.01 -10.50
C TYR A 235 -29.39 0.89 -9.82
N TYR A 236 -30.12 -0.11 -9.31
CA TYR A 236 -29.50 -1.23 -8.62
C TYR A 236 -28.66 -2.09 -9.56
N THR A 237 -27.36 -2.17 -9.25
CA THR A 237 -26.38 -2.77 -10.13
C THR A 237 -25.46 -3.71 -9.34
N ILE A 238 -24.90 -4.70 -10.01
CA ILE A 238 -23.97 -5.63 -9.37
C ILE A 238 -23.01 -6.23 -10.40
N GLY A 239 -21.85 -6.69 -9.94
CA GLY A 239 -20.87 -7.31 -10.81
C GLY A 239 -20.02 -6.26 -11.53
N ILE A 240 -19.75 -6.51 -12.80
CA ILE A 240 -19.06 -5.52 -13.63
C ILE A 240 -20.06 -4.82 -14.53
N GLY A 241 -20.60 -3.71 -14.04
CA GLY A 241 -21.51 -2.88 -14.81
C GLY A 241 -22.82 -3.53 -15.24
N HIS A 242 -23.10 -4.73 -14.73
CA HIS A 242 -24.31 -5.44 -15.12
C HIS A 242 -25.57 -4.86 -14.49
N LEU A 243 -26.47 -4.36 -15.32
CA LEU A 243 -27.68 -3.71 -14.85
C LEU A 243 -28.77 -4.72 -14.48
N LEU A 244 -29.66 -4.32 -13.58
CA LEU A 244 -30.71 -5.20 -13.09
C LEU A 244 -32.12 -4.65 -13.38
N THR A 245 -32.54 -3.67 -12.59
CA THR A 245 -33.88 -3.12 -12.74
C THR A 245 -33.97 -1.63 -12.40
N LYS A 246 -34.91 -0.94 -13.04
CA LYS A 246 -35.13 0.48 -12.82
C LYS A 246 -35.76 0.73 -11.44
N SER A 247 -36.54 -0.23 -10.98
CA SER A 247 -37.27 -0.12 -9.71
C SER A 247 -36.34 -0.01 -8.51
N PRO A 248 -36.75 0.81 -7.51
CA PRO A 248 -35.96 1.06 -6.30
C PRO A 248 -36.00 -0.08 -5.27
N SER A 249 -36.94 -1.00 -5.37
CA SER A 249 -37.05 -2.07 -4.40
C SER A 249 -35.92 -3.09 -4.56
N LEU A 250 -35.36 -3.54 -3.44
CA LEU A 250 -34.23 -4.47 -3.45
C LEU A 250 -34.61 -5.87 -3.91
N ASN A 251 -35.80 -6.32 -3.53
CA ASN A 251 -36.26 -7.66 -3.90
C ASN A 251 -36.29 -7.84 -5.42
N ALA A 252 -36.90 -6.88 -6.11
CA ALA A 252 -36.98 -6.94 -7.56
C ALA A 252 -35.60 -6.92 -8.21
N ALA A 253 -34.59 -6.52 -7.45
CA ALA A 253 -33.22 -6.55 -7.91
C ALA A 253 -32.56 -7.86 -7.50
N LYS A 254 -32.89 -8.33 -6.29
CA LYS A 254 -32.35 -9.58 -5.78
C LYS A 254 -32.96 -10.78 -6.50
N SER A 255 -34.23 -10.66 -6.85
CA SER A 255 -34.94 -11.71 -7.57
C SER A 255 -34.46 -11.79 -9.01
N GLU A 256 -34.11 -10.64 -9.57
CA GLU A 256 -33.52 -10.57 -10.91
C GLU A 256 -32.10 -11.14 -10.86
N LEU A 257 -31.43 -10.92 -9.75
CA LEU A 257 -30.10 -11.47 -9.53
C LEU A 257 -30.21 -12.98 -9.35
N ASP A 258 -31.25 -13.42 -8.65
CA ASP A 258 -31.53 -14.84 -8.48
C ASP A 258 -31.85 -15.48 -9.82
N LYS A 259 -32.58 -14.74 -10.66
CA LYS A 259 -32.96 -15.23 -11.98
C LYS A 259 -31.75 -15.32 -12.90
N ALA A 260 -30.84 -14.37 -12.78
CA ALA A 260 -29.65 -14.32 -13.63
C ALA A 260 -28.65 -15.41 -13.24
N ILE A 261 -28.75 -15.91 -12.02
CA ILE A 261 -27.76 -16.87 -11.51
C ILE A 261 -28.28 -18.32 -11.43
N GLY A 262 -29.50 -18.49 -10.94
CA GLY A 262 -30.05 -19.82 -10.81
C GLY A 262 -30.13 -20.37 -9.39
N ARG A 263 -29.36 -19.75 -8.51
CA ARG A 263 -29.43 -20.06 -7.09
C ARG A 263 -29.70 -18.79 -6.30
N ASN A 264 -30.33 -18.94 -5.13
CA ASN A 264 -30.68 -17.77 -4.31
C ASN A 264 -29.44 -17.00 -3.85
N THR A 265 -29.32 -15.77 -4.34
CA THR A 265 -28.11 -14.97 -4.14
C THR A 265 -28.09 -14.17 -2.84
N ASN A 266 -29.26 -13.69 -2.42
CA ASN A 266 -29.39 -12.80 -1.26
C ASN A 266 -28.68 -11.45 -1.51
N GLY A 267 -28.29 -11.21 -2.75
CA GLY A 267 -27.65 -9.96 -3.12
C GLY A 267 -26.13 -10.06 -3.17
N VAL A 268 -25.60 -11.28 -3.09
CA VAL A 268 -24.15 -11.48 -3.11
C VAL A 268 -23.77 -12.63 -4.05
N ILE A 269 -22.83 -12.36 -4.95
CA ILE A 269 -22.33 -13.38 -5.86
C ILE A 269 -20.84 -13.61 -5.64
N THR A 270 -20.26 -14.54 -6.41
CA THR A 270 -18.83 -14.82 -6.32
C THR A 270 -18.10 -14.28 -7.55
N LYS A 271 -16.78 -14.18 -7.45
CA LYS A 271 -15.95 -13.64 -8.53
C LYS A 271 -16.14 -14.38 -9.85
N ASP A 272 -16.27 -15.70 -9.77
CA ASP A 272 -16.48 -16.52 -10.96
C ASP A 272 -17.86 -16.22 -11.56
N GLU A 273 -18.83 -15.96 -10.70
CA GLU A 273 -20.18 -15.65 -11.15
C GLU A 273 -20.25 -14.27 -11.81
N ALA A 274 -19.39 -13.36 -11.35
CA ALA A 274 -19.32 -12.02 -11.94
C ALA A 274 -18.61 -12.08 -13.29
N GLU A 275 -17.53 -12.85 -13.35
CA GLU A 275 -16.78 -13.02 -14.59
C GLU A 275 -17.64 -13.70 -15.66
N LYS A 276 -18.48 -14.64 -15.23
CA LYS A 276 -19.40 -15.33 -16.11
C LYS A 276 -20.51 -14.38 -16.57
N LEU A 277 -20.99 -13.56 -15.64
CA LEU A 277 -21.98 -12.53 -15.95
C LEU A 277 -21.41 -11.51 -16.91
N PHE A 278 -20.09 -11.36 -16.87
CA PHE A 278 -19.38 -10.38 -17.68
C PHE A 278 -19.30 -10.81 -19.14
N ASN A 279 -18.75 -12.01 -19.37
CA ASN A 279 -18.53 -12.53 -20.71
C ASN A 279 -19.79 -12.60 -21.58
N GLN A 280 -20.93 -12.93 -20.95
CA GLN A 280 -22.18 -13.03 -21.68
C GLN A 280 -22.68 -11.66 -22.12
N ASP A 281 -22.45 -10.65 -21.29
CA ASP A 281 -22.86 -9.28 -21.60
C ASP A 281 -22.00 -8.69 -22.72
N VAL A 282 -20.72 -9.05 -22.72
CA VAL A 282 -19.79 -8.58 -23.75
C VAL A 282 -20.18 -9.14 -25.11
N ASP A 283 -20.48 -10.44 -25.14
CA ASP A 283 -20.90 -11.08 -26.38
C ASP A 283 -22.29 -10.60 -26.82
N ALA A 284 -23.16 -10.37 -25.84
CA ALA A 284 -24.51 -9.87 -26.12
C ALA A 284 -24.43 -8.49 -26.77
N ALA A 285 -23.42 -7.73 -26.39
CA ALA A 285 -23.18 -6.43 -27.01
C ALA A 285 -22.73 -6.61 -28.45
N VAL A 286 -21.75 -7.49 -28.65
CA VAL A 286 -21.25 -7.79 -29.98
C VAL A 286 -22.37 -8.35 -30.86
N ARG A 287 -23.18 -9.23 -30.29
CA ARG A 287 -24.35 -9.76 -30.99
C ARG A 287 -25.28 -8.63 -31.42
N GLY A 288 -25.63 -7.77 -30.46
CA GLY A 288 -26.52 -6.65 -30.71
C GLY A 288 -26.02 -5.77 -31.86
N ILE A 289 -24.72 -5.50 -31.86
CA ILE A 289 -24.09 -4.77 -32.95
C ILE A 289 -24.33 -5.47 -34.28
N LEU A 290 -24.12 -6.78 -34.29
CA LEU A 290 -24.23 -7.58 -35.50
C LEU A 290 -25.63 -7.57 -36.12
N ARG A 291 -26.65 -7.38 -35.29
CA ARG A 291 -28.03 -7.33 -35.79
C ARG A 291 -28.47 -5.90 -36.11
N ASN A 292 -27.55 -4.96 -35.98
CA ASN A 292 -27.84 -3.56 -36.28
C ASN A 292 -27.23 -3.13 -37.62
N ALA A 293 -28.07 -2.66 -38.54
CA ALA A 293 -27.63 -2.32 -39.88
C ALA A 293 -26.89 -0.99 -39.95
N LYS A 294 -26.88 -0.26 -38.83
CA LYS A 294 -26.14 0.99 -38.75
C LYS A 294 -24.78 0.76 -38.08
N LEU A 295 -24.75 -0.19 -37.15
CA LEU A 295 -23.54 -0.48 -36.38
C LEU A 295 -22.62 -1.48 -37.07
N LYS A 296 -23.20 -2.60 -37.52
CA LYS A 296 -22.44 -3.67 -38.17
C LYS A 296 -21.49 -3.24 -39.30
N PRO A 297 -21.93 -2.33 -40.19
CA PRO A 297 -20.97 -1.86 -41.20
C PRO A 297 -19.77 -1.12 -40.61
N VAL A 298 -20.01 -0.24 -39.64
CA VAL A 298 -18.93 0.52 -39.00
C VAL A 298 -18.01 -0.41 -38.20
N TYR A 299 -18.57 -1.52 -37.74
CA TYR A 299 -17.83 -2.50 -36.95
C TYR A 299 -16.62 -3.06 -37.70
N ASP A 300 -16.86 -3.57 -38.91
CA ASP A 300 -15.82 -4.24 -39.69
C ASP A 300 -14.77 -3.29 -40.27
N SER A 301 -15.02 -1.99 -40.19
CA SER A 301 -14.11 -1.00 -40.74
C SER A 301 -13.04 -0.61 -39.73
N LEU A 302 -13.09 -1.19 -38.55
CA LEU A 302 -12.26 -0.76 -37.44
C LEU A 302 -11.15 -1.74 -37.06
N ASP A 303 -10.04 -1.18 -36.57
CA ASP A 303 -9.00 -1.99 -35.95
C ASP A 303 -9.48 -2.43 -34.57
N ALA A 304 -8.86 -3.46 -34.02
CA ALA A 304 -9.33 -4.11 -32.79
C ALA A 304 -9.52 -3.15 -31.61
N VAL A 305 -8.62 -2.19 -31.47
CA VAL A 305 -8.69 -1.24 -30.37
C VAL A 305 -9.96 -0.38 -30.46
N ARG A 306 -10.23 0.15 -31.64
CA ARG A 306 -11.43 0.96 -31.86
C ARG A 306 -12.70 0.13 -31.83
N ARG A 307 -12.61 -1.13 -32.27
CA ARG A 307 -13.72 -2.05 -32.16
C ARG A 307 -14.09 -2.27 -30.70
N ALA A 308 -13.08 -2.30 -29.83
CA ALA A 308 -13.30 -2.43 -28.39
C ALA A 308 -14.02 -1.20 -27.84
N ALA A 309 -13.64 -0.03 -28.33
CA ALA A 309 -14.27 1.22 -27.92
C ALA A 309 -15.76 1.23 -28.28
N LEU A 310 -16.09 0.66 -29.44
CA LEU A 310 -17.47 0.57 -29.88
C LEU A 310 -18.28 -0.34 -28.97
N ILE A 311 -17.71 -1.49 -28.62
CA ILE A 311 -18.36 -2.43 -27.71
C ILE A 311 -18.59 -1.79 -26.34
N ASN A 312 -17.66 -0.93 -25.95
CA ASN A 312 -17.75 -0.23 -24.68
C ASN A 312 -19.00 0.65 -24.61
N MET A 313 -19.30 1.32 -25.73
CA MET A 313 -20.47 2.18 -25.80
C MET A 313 -21.76 1.36 -25.80
N VAL A 314 -21.76 0.27 -26.56
CA VAL A 314 -22.89 -0.63 -26.64
C VAL A 314 -23.15 -1.26 -25.27
N PHE A 315 -22.07 -1.56 -24.56
CA PHE A 315 -22.14 -2.09 -23.21
C PHE A 315 -22.85 -1.11 -22.28
N GLN A 316 -22.50 0.17 -22.41
CA GLN A 316 -22.98 1.19 -21.49
C GLN A 316 -24.44 1.59 -21.73
N MET A 317 -24.74 2.08 -22.92
CA MET A 317 -26.05 2.68 -23.19
C MET A 317 -26.97 1.85 -24.09
N GLY A 318 -26.45 0.73 -24.60
CA GLY A 318 -27.27 -0.17 -25.41
C GLY A 318 -27.22 0.11 -26.90
N GLU A 319 -27.62 -0.89 -27.69
CA GLU A 319 -27.52 -0.83 -29.14
C GLU A 319 -28.37 0.26 -29.80
N THR A 320 -29.52 0.55 -29.21
CA THR A 320 -30.44 1.53 -29.78
C THR A 320 -29.88 2.95 -29.66
N GLY A 321 -29.21 3.24 -28.56
CA GLY A 321 -28.63 4.54 -28.34
C GLY A 321 -27.43 4.82 -29.22
N VAL A 322 -26.57 3.82 -29.38
CA VAL A 322 -25.37 3.94 -30.19
C VAL A 322 -25.72 3.96 -31.68
N ALA A 323 -26.96 3.63 -32.00
CA ALA A 323 -27.43 3.61 -33.37
C ALA A 323 -27.65 5.04 -33.90
N GLY A 324 -28.05 5.94 -33.02
CA GLY A 324 -28.34 7.31 -33.39
C GLY A 324 -27.14 8.24 -33.45
N PHE A 325 -25.96 7.65 -33.63
CA PHE A 325 -24.72 8.43 -33.75
C PHE A 325 -24.27 8.51 -35.19
N THR A 326 -25.22 8.74 -36.10
CA THR A 326 -24.98 8.68 -37.54
C THR A 326 -23.70 9.36 -38.01
N ASN A 327 -23.51 10.61 -37.63
CA ASN A 327 -22.37 11.40 -38.09
C ASN A 327 -21.04 10.93 -37.50
N SER A 328 -21.05 10.60 -36.21
CA SER A 328 -19.87 10.05 -35.56
C SER A 328 -19.52 8.70 -36.18
N LEU A 329 -20.55 7.89 -36.43
CA LEU A 329 -20.38 6.59 -37.06
C LEU A 329 -19.87 6.75 -38.49
N ARG A 330 -20.38 7.76 -39.20
CA ARG A 330 -19.93 8.08 -40.55
C ARG A 330 -18.44 8.38 -40.56
N MET A 331 -18.05 9.34 -39.72
CA MET A 331 -16.66 9.76 -39.62
C MET A 331 -15.74 8.61 -39.23
N LEU A 332 -16.24 7.73 -38.36
CA LEU A 332 -15.49 6.54 -37.95
C LEU A 332 -15.25 5.60 -39.12
N GLN A 333 -16.32 5.30 -39.87
CA GLN A 333 -16.25 4.36 -40.98
C GLN A 333 -15.30 4.85 -42.07
N GLN A 334 -15.28 6.17 -42.29
CA GLN A 334 -14.39 6.76 -43.29
C GLN A 334 -13.01 7.01 -42.71
N LYS A 335 -12.86 6.70 -41.43
CA LYS A 335 -11.60 6.91 -40.69
C LYS A 335 -11.25 8.38 -40.50
N ARG A 336 -12.25 9.20 -40.21
CA ARG A 336 -12.02 10.59 -39.83
C ARG A 336 -12.00 10.69 -38.31
N TRP A 337 -10.81 10.55 -37.73
CA TRP A 337 -10.65 10.35 -36.29
C TRP A 337 -10.86 11.60 -35.44
N ASP A 338 -10.09 12.66 -35.73
CA ASP A 338 -10.22 13.89 -34.97
C ASP A 338 -11.60 14.50 -35.14
N GLU A 339 -12.16 14.35 -36.34
CA GLU A 339 -13.52 14.80 -36.62
C GLU A 339 -14.52 14.06 -35.73
N ALA A 340 -14.42 12.73 -35.73
CA ALA A 340 -15.33 11.89 -34.95
C ALA A 340 -15.18 12.14 -33.45
N ALA A 341 -13.93 12.33 -33.01
CA ALA A 341 -13.64 12.58 -31.61
C ALA A 341 -14.30 13.88 -31.14
N VAL A 342 -14.16 14.92 -31.95
CA VAL A 342 -14.76 16.21 -31.65
C VAL A 342 -16.29 16.10 -31.59
N ASN A 343 -16.87 15.41 -32.56
CA ASN A 343 -18.32 15.26 -32.62
C ASN A 343 -18.86 14.44 -31.46
N LEU A 344 -18.11 13.42 -31.06
CA LEU A 344 -18.52 12.56 -29.94
C LEU A 344 -18.47 13.31 -28.61
N ALA A 345 -17.55 14.26 -28.49
CA ALA A 345 -17.39 15.04 -27.28
C ALA A 345 -18.53 16.03 -27.06
N LYS A 346 -19.36 16.21 -28.09
CA LYS A 346 -20.47 17.16 -28.02
C LYS A 346 -21.80 16.46 -27.75
N SER A 347 -21.74 15.18 -27.38
CA SER A 347 -22.94 14.39 -27.14
C SER A 347 -23.40 14.50 -25.69
N ARG A 348 -24.67 14.15 -25.46
CA ARG A 348 -25.21 14.11 -24.10
C ARG A 348 -24.57 12.98 -23.31
N TRP A 349 -24.05 11.99 -24.04
CA TRP A 349 -23.28 10.91 -23.46
C TRP A 349 -22.08 11.46 -22.70
N TYR A 350 -21.35 12.36 -23.37
CA TYR A 350 -20.20 13.01 -22.78
C TYR A 350 -20.62 13.87 -21.59
N ASN A 351 -21.75 14.56 -21.74
CA ASN A 351 -22.26 15.42 -20.68
C ASN A 351 -22.62 14.62 -19.42
N GLN A 352 -23.05 13.38 -19.63
CA GLN A 352 -23.42 12.51 -18.52
C GLN A 352 -22.21 11.89 -17.84
N THR A 353 -21.45 11.10 -18.59
CA THR A 353 -20.27 10.43 -18.04
C THR A 353 -19.00 10.86 -18.79
N PRO A 354 -18.50 12.07 -18.48
CA PRO A 354 -17.39 12.69 -19.21
C PRO A 354 -16.06 11.94 -19.13
N ASN A 355 -15.68 11.47 -17.95
CA ASN A 355 -14.39 10.80 -17.79
C ASN A 355 -14.28 9.51 -18.58
N ARG A 356 -15.32 8.67 -18.49
CA ARG A 356 -15.35 7.42 -19.25
C ARG A 356 -15.40 7.71 -20.74
N ALA A 357 -16.29 8.61 -21.13
CA ALA A 357 -16.43 9.00 -22.53
C ALA A 357 -15.11 9.53 -23.08
N LYS A 358 -14.39 10.26 -22.25
CA LYS A 358 -13.09 10.82 -22.64
C LYS A 358 -12.11 9.70 -22.97
N ARG A 359 -12.13 8.64 -22.17
CA ARG A 359 -11.25 7.49 -22.39
C ARG A 359 -11.62 6.75 -23.67
N VAL A 360 -12.91 6.55 -23.90
CA VAL A 360 -13.39 5.85 -25.07
C VAL A 360 -13.14 6.66 -26.34
N ILE A 361 -13.38 7.96 -26.26
CA ILE A 361 -13.15 8.86 -27.39
C ILE A 361 -11.66 8.89 -27.76
N THR A 362 -10.80 8.90 -26.75
CA THR A 362 -9.36 8.86 -26.96
C THR A 362 -8.96 7.55 -27.63
N THR A 363 -9.69 6.49 -27.29
CA THR A 363 -9.47 5.17 -27.88
C THR A 363 -9.86 5.19 -29.36
N PHE A 364 -10.95 5.87 -29.67
CA PHE A 364 -11.41 6.04 -31.05
C PHE A 364 -10.46 6.91 -31.86
N ARG A 365 -9.94 7.95 -31.23
CA ARG A 365 -9.09 8.92 -31.91
C ARG A 365 -7.69 8.39 -32.18
N THR A 366 -7.13 7.66 -31.23
CA THR A 366 -5.74 7.22 -31.31
C THR A 366 -5.58 5.81 -31.87
N GLY A 367 -6.47 4.91 -31.46
CA GLY A 367 -6.32 3.51 -31.79
C GLY A 367 -5.32 2.86 -30.85
N THR A 368 -4.91 3.61 -29.84
CA THR A 368 -4.00 3.12 -28.81
C THR A 368 -4.68 3.15 -27.45
N TRP A 369 -4.11 2.43 -26.48
CA TRP A 369 -4.72 2.27 -25.17
C TRP A 369 -4.31 3.33 -24.16
N ASP A 370 -3.66 4.40 -24.63
CA ASP A 370 -3.03 5.37 -23.74
C ASP A 370 -3.95 6.10 -22.76
N ALA A 371 -5.26 6.01 -22.99
CA ALA A 371 -6.23 6.62 -22.07
C ALA A 371 -6.43 5.76 -20.83
N TYR A 372 -5.93 4.53 -20.88
CA TYR A 372 -6.16 3.56 -19.81
C TYR A 372 -4.92 3.23 -18.99
N GLU A 373 -3.78 3.09 -19.67
CA GLU A 373 -2.52 2.77 -19.00
C GLU A 373 -2.23 3.71 -17.84
N LYS A 374 -1.77 3.16 -16.73
CA LYS A 374 -1.67 3.88 -15.48
C LYS A 374 -0.55 4.94 -15.46
N ASP A 375 -0.66 5.86 -14.51
CA ASP A 375 0.32 6.92 -14.32
C ASP A 375 1.63 6.36 -13.79
N ARG A 376 2.73 7.07 -14.04
CA ARG A 376 4.04 6.62 -13.61
C ARG A 376 4.26 6.82 -12.11
N ASN A 377 3.38 7.60 -11.50
CA ASN A 377 3.42 7.85 -10.06
C ASN A 377 3.35 6.57 -9.25
N LEU A 378 2.43 5.68 -9.65
CA LEU A 378 2.27 4.38 -9.00
C LEU A 378 3.58 3.59 -9.04
N ARG A 379 4.19 3.54 -10.21
CA ARG A 379 5.45 2.81 -10.38
C ARG A 379 6.55 3.41 -9.50
N ARG A 380 6.63 4.74 -9.47
CA ARG A 380 7.66 5.41 -8.67
C ARG A 380 7.50 5.16 -7.17
N ILE A 381 6.28 5.32 -6.67
CA ILE A 381 6.01 5.10 -5.24
C ILE A 381 6.21 3.64 -4.85
N THR A 382 5.76 2.74 -5.72
CA THR A 382 5.96 1.31 -5.50
C THR A 382 7.44 0.99 -5.39
N ARG A 383 8.22 1.54 -6.33
CA ARG A 383 9.68 1.39 -6.29
C ARG A 383 10.24 1.88 -4.96
N MET A 384 9.82 3.07 -4.55
CA MET A 384 10.25 3.67 -3.29
C MET A 384 10.02 2.74 -2.11
N VAL A 385 8.77 2.35 -1.91
CA VAL A 385 8.39 1.47 -0.80
C VAL A 385 9.16 0.16 -0.83
N LEU A 386 9.25 -0.44 -2.01
CA LEU A 386 10.01 -1.68 -2.19
C LEU A 386 11.45 -1.54 -1.71
N VAL A 387 12.12 -0.50 -2.18
CA VAL A 387 13.51 -0.26 -1.79
C VAL A 387 13.67 -0.04 -0.29
N VAL A 388 12.75 0.74 0.28
CA VAL A 388 12.74 0.97 1.73
C VAL A 388 12.64 -0.35 2.49
N VAL A 389 11.71 -1.19 2.07
CA VAL A 389 11.51 -2.50 2.67
C VAL A 389 12.76 -3.36 2.57
N ALA A 390 13.39 -3.37 1.39
CA ALA A 390 14.62 -4.15 1.20
C ALA A 390 15.72 -3.70 2.15
N VAL A 391 15.92 -2.39 2.25
CA VAL A 391 16.90 -1.82 3.16
C VAL A 391 16.61 -2.22 4.61
N PHE A 392 15.34 -2.12 5.00
CA PHE A 392 14.91 -2.53 6.34
C PHE A 392 15.28 -3.99 6.61
N ILE A 393 14.96 -4.86 5.66
CA ILE A 393 15.24 -6.29 5.82
C ILE A 393 16.74 -6.52 6.00
N VAL A 394 17.54 -5.86 5.16
CA VAL A 394 18.99 -5.96 5.25
C VAL A 394 19.50 -5.52 6.63
N CYS A 395 18.85 -4.49 7.19
CA CYS A 395 19.27 -3.95 8.47
C CYS A 395 18.78 -4.71 9.71
N TRP A 396 17.63 -5.37 9.61
CA TRP A 396 17.03 -5.97 10.79
C TRP A 396 17.16 -7.50 10.83
N THR A 397 17.41 -8.12 9.68
CA THR A 397 17.55 -9.57 9.65
C THR A 397 18.70 -10.14 10.50
N PRO A 398 19.92 -9.58 10.40
CA PRO A 398 21.02 -10.16 11.18
C PRO A 398 20.77 -10.16 12.69
N ILE A 399 20.14 -9.13 13.21
CA ILE A 399 19.90 -9.06 14.66
C ILE A 399 18.76 -9.97 15.10
N HIS A 400 17.69 -10.03 14.30
CA HIS A 400 16.58 -10.91 14.61
C HIS A 400 17.03 -12.38 14.67
N ILE A 401 17.97 -12.74 13.79
CA ILE A 401 18.52 -14.08 13.76
C ILE A 401 19.49 -14.33 14.91
N TYR A 402 20.40 -13.37 15.12
CA TYR A 402 21.43 -13.46 16.16
C TYR A 402 20.83 -13.72 17.53
N VAL A 403 19.73 -13.04 17.83
CA VAL A 403 19.03 -13.17 19.10
C VAL A 403 18.53 -14.59 19.33
N ILE A 404 17.82 -15.12 18.35
CA ILE A 404 17.27 -16.48 18.42
C ILE A 404 18.40 -17.50 18.60
N ILE A 405 19.48 -17.32 17.85
CA ILE A 405 20.65 -18.19 17.94
C ILE A 405 21.20 -18.24 19.36
N LYS A 406 21.49 -17.07 19.93
CA LYS A 406 22.03 -16.96 21.27
C LYS A 406 21.08 -17.57 22.30
N ALA A 407 19.78 -17.42 22.06
CA ALA A 407 18.77 -17.91 22.99
C ALA A 407 18.80 -19.43 23.16
N LEU A 408 19.29 -20.13 22.15
CA LEU A 408 19.24 -21.59 22.19
C LEU A 408 20.56 -22.35 22.03
N ILE A 409 21.67 -21.65 21.78
CA ILE A 409 23.00 -22.27 21.89
C ILE A 409 24.05 -21.35 22.52
N THR A 410 25.19 -21.94 22.88
CA THR A 410 26.29 -21.21 23.50
C THR A 410 27.36 -20.84 22.46
N ILE A 411 27.78 -19.59 22.47
CA ILE A 411 28.75 -19.09 21.50
C ILE A 411 30.12 -18.93 22.14
N PRO A 412 31.17 -19.49 21.49
CA PRO A 412 32.53 -19.39 22.01
C PRO A 412 32.96 -17.93 22.13
N GLU A 413 33.02 -17.43 23.36
CA GLU A 413 33.30 -16.02 23.59
C GLU A 413 34.66 -15.57 23.07
N THR A 414 34.63 -14.78 22.01
CA THR A 414 35.82 -14.15 21.45
C THR A 414 35.47 -12.69 21.23
N THR A 415 36.48 -11.88 20.90
CA THR A 415 36.22 -10.48 20.58
C THR A 415 35.35 -10.39 19.33
N PHE A 416 35.54 -11.33 18.41
CA PHE A 416 34.76 -11.38 17.18
C PHE A 416 33.26 -11.47 17.45
N GLN A 417 32.89 -12.24 18.47
CA GLN A 417 31.48 -12.44 18.82
C GLN A 417 30.84 -11.12 19.22
N THR A 418 31.51 -10.39 20.11
CA THR A 418 30.99 -9.12 20.61
C THR A 418 31.01 -8.05 19.52
N VAL A 419 32.05 -8.08 18.69
CA VAL A 419 32.16 -7.15 17.57
C VAL A 419 30.99 -7.33 16.62
N SER A 420 30.78 -8.58 16.18
CA SER A 420 29.68 -8.91 15.26
C SER A 420 28.33 -8.57 15.88
N TRP A 421 28.20 -8.87 17.17
CA TRP A 421 26.96 -8.61 17.91
C TRP A 421 26.60 -7.12 17.90
N HIS A 422 27.51 -6.31 18.44
CA HIS A 422 27.29 -4.87 18.50
C HIS A 422 27.23 -4.23 17.12
N PHE A 423 27.83 -4.88 16.13
CA PHE A 423 27.75 -4.44 14.74
C PHE A 423 26.33 -4.63 14.23
N CYS A 424 25.74 -5.78 14.54
CA CYS A 424 24.36 -6.07 14.15
C CYS A 424 23.38 -5.12 14.82
N ILE A 425 23.52 -4.94 16.13
CA ILE A 425 22.71 -3.96 16.86
C ILE A 425 22.86 -2.58 16.22
N ALA A 426 24.10 -2.22 15.94
CA ALA A 426 24.44 -0.93 15.34
C ALA A 426 23.69 -0.69 14.04
N LEU A 427 23.88 -1.56 13.05
CA LEU A 427 23.21 -1.37 11.76
C LEU A 427 21.69 -1.40 11.90
N GLY A 428 21.23 -2.22 12.85
CA GLY A 428 19.83 -2.22 13.24
C GLY A 428 19.36 -0.83 13.63
N TYR A 429 20.22 -0.06 14.28
CA TYR A 429 19.90 1.34 14.58
C TYR A 429 20.17 2.27 13.40
N THR A 430 21.05 1.85 12.50
CA THR A 430 21.51 2.68 11.39
C THR A 430 20.43 2.84 10.33
N ASN A 431 19.57 1.81 10.24
CA ASN A 431 18.40 1.90 9.37
C ASN A 431 17.62 3.21 9.56
N SER A 432 17.46 3.60 10.83
CA SER A 432 16.71 4.79 11.22
C SER A 432 17.24 6.08 10.60
N CYS A 433 18.55 6.15 10.39
CA CYS A 433 19.13 7.33 9.75
C CYS A 433 19.24 7.12 8.24
N LEU A 434 19.20 5.86 7.82
CA LEU A 434 19.20 5.56 6.39
C LEU A 434 17.91 5.99 5.71
N ASN A 435 16.79 5.83 6.42
CA ASN A 435 15.47 6.10 5.82
C ASN A 435 15.22 7.45 5.13
N PRO A 436 15.43 8.59 5.83
CA PRO A 436 15.10 9.87 5.21
C PRO A 436 15.93 10.17 3.96
N VAL A 437 17.19 9.73 3.97
CA VAL A 437 18.06 9.83 2.81
C VAL A 437 17.42 9.14 1.61
N LEU A 438 16.80 7.98 1.86
CA LEU A 438 16.13 7.23 0.82
C LEU A 438 14.92 7.98 0.26
N TYR A 439 14.17 8.63 1.15
CA TYR A 439 13.00 9.40 0.74
C TYR A 439 13.38 10.47 -0.26
N ALA A 440 14.57 11.04 -0.09
CA ALA A 440 15.07 12.08 -0.98
C ALA A 440 15.25 11.56 -2.40
N PHE A 441 15.89 10.39 -2.53
CA PHE A 441 16.22 9.84 -3.84
C PHE A 441 15.01 9.25 -4.58
N LEU A 442 14.17 8.51 -3.87
CA LEU A 442 13.11 7.74 -4.50
C LEU A 442 11.79 8.50 -4.61
N ASP A 443 11.78 9.75 -4.16
CA ASP A 443 10.58 10.57 -4.23
C ASP A 443 10.91 11.99 -4.67
N GLU A 444 10.24 12.45 -5.71
CA GLU A 444 10.54 13.76 -6.30
C GLU A 444 9.97 14.92 -5.48
N ASN A 445 8.76 14.73 -4.93
CA ASN A 445 8.18 15.74 -4.04
C ASN A 445 9.01 15.89 -2.78
N PHE A 446 9.59 14.80 -2.31
CA PHE A 446 10.42 14.82 -1.12
C PHE A 446 11.74 15.55 -1.34
N LYS A 447 12.43 15.25 -2.45
CA LYS A 447 13.67 15.94 -2.76
C LYS A 447 13.38 17.40 -3.11
N ARG A 448 12.16 17.65 -3.56
CA ARG A 448 11.72 19.01 -3.85
C ARG A 448 11.56 19.80 -2.55
N CYS A 449 10.96 19.16 -1.55
CA CYS A 449 10.83 19.79 -0.23
C CYS A 449 12.21 20.00 0.39
N PHE A 450 13.07 19.01 0.22
CA PHE A 450 14.45 19.09 0.72
C PHE A 450 15.19 20.26 0.09
N ARG A 451 14.98 20.46 -1.21
CA ARG A 451 15.59 21.57 -1.93
C ARG A 451 15.00 22.91 -1.47
N GLU A 452 13.70 22.90 -1.19
CA GLU A 452 13.01 24.09 -0.70
C GLU A 452 13.53 24.50 0.67
N PHE A 453 13.96 23.50 1.44
CA PHE A 453 14.56 23.77 2.74
C PHE A 453 16.04 24.14 2.61
N CYS A 454 16.67 23.69 1.54
CA CYS A 454 18.08 23.95 1.32
C CYS A 454 18.35 25.22 0.51
N ILE A 455 17.85 25.25 -0.73
CA ILE A 455 18.03 26.42 -1.59
C ILE A 455 16.98 27.49 -1.30
#